data_5L1I
#
_entry.id   5L1I
#
_cell.length_a   99.095
_cell.length_b   99.095
_cell.length_c   81.869
_cell.angle_alpha   90.00
_cell.angle_beta   90.00
_cell.angle_gamma   120.00
#
_symmetry.space_group_name_H-M   'P 61'
#
loop_
_entity.id
_entity.type
_entity.pdbx_description
1 polymer 'DNA polymerase eta'
2 polymer "DNA (5'-D(*CP*AP*TP*(6OG)P*AP*TP*GP*AP*CP*GP*CP*T)-3')"
3 polymer "DNA (5'-D(*AP*GP*CP*GP*TP*CP*AP*TP*C)-3')"
4 non-polymer "2'-DEOXYCYTIDINE-5'-TRIPHOSPHATE"
5 non-polymer 'CALCIUM ION'
6 non-polymer GLYCEROL
7 water water
#
loop_
_entity_poly.entity_id
_entity_poly.type
_entity_poly.pdbx_seq_one_letter_code
_entity_poly.pdbx_strand_id
1 'polypeptide(L)'
;GPHMATGQDRVVALVDMDCFFVQVEQRQNPHLRNKPCAVVQYKSWKGGGIIAVSYEARAFGVTRSMWADDAKKLCPDLLL
AQVRESRGKANLTKYREASVEVMEIMSRFAVIERASIDEAYVDLTSAVQERLQKLQGQPISADLLPSTYIEGLPQGPTTA
EETVQKEGMRKQGLFQWLDSLQIDNLTSPDLQLTVGAVIVEEMRAAIERETGFQCSAGISHNKVLAKLACGLNKPNRQTL
VSHGSVPQLFSQMPIRKIRSLGGKLGASVIEILGIEYMGELTQFTESQLQSHFGEKNGSWLYAMCRGIEHDPVKPRQLPK
TIGCSKNFPGKTALATREQVQWWLLQLAQELEERLTKDRNDNDRVATQLVVSIRVQGDKRLSSLRRCCALTRYDAHKMSH
DAFTVIKNCNTSGIQTEWSPPLTMLFLCATKFSAS
;
A
2 'polydeoxyribonucleotide' (DC)(DA)(DT)(6OG)(DA)(DT)(DG)(DA)(DC)(DG)(DC)(DT) T
3 'polydeoxyribonucleotide' (DA)(DG)(DC)(DG)(DT)(DC)(DA)(DT)(DC) P
#
loop_
_chem_comp.id
_chem_comp.type
_chem_comp.name
_chem_comp.formula
6OG DNA linking '6-O-METHYL GUANOSINE-5'-MONOPHOSPHATE' 'C11 H16 N5 O7 P'
CA non-polymer 'CALCIUM ION' 'Ca 2'
DA DNA linking 2'-DEOXYADENOSINE-5'-MONOPHOSPHATE 'C10 H14 N5 O6 P'
DC DNA linking 2'-DEOXYCYTIDINE-5'-MONOPHOSPHATE 'C9 H14 N3 O7 P'
DCP non-polymer 2'-DEOXYCYTIDINE-5'-TRIPHOSPHATE 'C9 H16 N3 O13 P3'
DG DNA linking 2'-DEOXYGUANOSINE-5'-MONOPHOSPHATE 'C10 H14 N5 O7 P'
DT DNA linking THYMIDINE-5'-MONOPHOSPHATE 'C10 H15 N2 O8 P'
GOL non-polymer GLYCEROL 'C3 H8 O3'
#
# COMPACT_ATOMS: atom_id res chain seq x y z
N GLY A 1 -17.56 25.94 19.34
CA GLY A 1 -16.11 26.35 19.44
C GLY A 1 -15.26 25.53 20.39
N PRO A 2 -15.53 25.61 21.71
CA PRO A 2 -14.78 24.88 22.73
C PRO A 2 -15.16 23.39 22.87
N HIS A 3 -16.30 23.00 22.26
CA HIS A 3 -16.75 21.61 22.21
C HIS A 3 -16.80 21.08 20.77
N MET A 4 -15.82 21.50 19.97
CA MET A 4 -15.61 20.99 18.61
C MET A 4 -14.34 20.15 18.57
N ALA A 5 -14.51 18.89 18.13
CA ALA A 5 -13.41 17.94 18.00
C ALA A 5 -12.64 18.23 16.70
N THR A 6 -11.35 18.55 16.85
CA THR A 6 -10.48 18.91 15.71
C THR A 6 -9.55 17.76 15.26
N GLY A 7 -9.72 16.56 15.80
CA GLY A 7 -9.00 15.38 15.32
C GLY A 7 -7.50 15.55 15.43
N GLN A 8 -7.06 15.94 16.62
CA GLN A 8 -5.65 16.18 16.90
C GLN A 8 -5.18 15.30 18.05
N ASP A 9 -5.95 14.24 18.27
CA ASP A 9 -5.80 13.39 19.44
C ASP A 9 -4.68 12.38 19.21
N ARG A 10 -4.47 11.93 17.97
CA ARG A 10 -3.40 10.97 17.70
C ARG A 10 -2.26 11.52 16.86
N VAL A 11 -1.22 10.70 16.72
CA VAL A 11 -0.10 10.95 15.84
C VAL A 11 0.07 9.66 15.04
N VAL A 12 -0.06 9.78 13.73
CA VAL A 12 -0.06 8.63 12.84
C VAL A 12 0.93 8.90 11.74
N ALA A 13 1.60 7.83 11.31
CA ALA A 13 2.58 7.91 10.24
C ALA A 13 2.35 6.79 9.26
N LEU A 14 2.66 7.05 8.01
CA LEU A 14 2.61 6.05 6.97
C LEU A 14 3.96 6.03 6.29
N VAL A 15 4.63 4.88 6.38
CA VAL A 15 5.92 4.64 5.76
C VAL A 15 5.74 3.69 4.62
N ASP A 16 6.21 4.10 3.44
CA ASP A 16 6.11 3.36 2.20
C ASP A 16 7.46 3.34 1.49
N MET A 17 7.86 2.19 0.98
CA MET A 17 9.20 2.09 0.43
C MET A 17 9.22 2.70 -0.96
N ASP A 18 10.37 3.31 -1.30
CA ASP A 18 10.56 3.88 -2.63
C ASP A 18 10.85 2.78 -3.66
N CYS A 19 10.14 2.82 -4.79
CA CYS A 19 10.30 1.85 -5.90
C CYS A 19 10.71 0.48 -5.36
N PHE A 20 9.87 -0.06 -4.51
CA PHE A 20 10.27 -1.16 -3.65
C PHE A 20 10.95 -2.34 -4.39
N PHE A 21 10.23 -2.97 -5.31
CA PHE A 21 10.77 -4.15 -5.98
C PHE A 21 12.08 -3.85 -6.69
N VAL A 22 12.18 -2.67 -7.29
CA VAL A 22 13.43 -2.25 -7.95
C VAL A 22 14.56 -2.14 -6.93
N GLN A 23 14.27 -1.54 -5.77
CA GLN A 23 15.28 -1.49 -4.70
C GLN A 23 15.76 -2.86 -4.30
N VAL A 24 14.87 -3.85 -4.29
CA VAL A 24 15.23 -5.22 -3.88
C VAL A 24 16.20 -5.85 -4.91
N GLU A 25 15.91 -5.58 -6.17
CA GLU A 25 16.73 -6.07 -7.24
C GLU A 25 18.11 -5.39 -7.32
N GLN A 26 18.13 -4.08 -7.01
CA GLN A 26 19.35 -3.27 -7.00
C GLN A 26 20.27 -3.54 -5.84
N ARG A 27 19.70 -3.89 -4.68
CA ARG A 27 20.55 -4.34 -3.57
C ARG A 27 21.23 -5.66 -3.98
N GLN A 28 20.50 -6.54 -4.66
CA GLN A 28 21.05 -7.83 -5.08
C GLN A 28 22.08 -7.73 -6.22
N ASN A 29 21.79 -6.88 -7.20
CA ASN A 29 22.67 -6.69 -8.33
C ASN A 29 23.11 -5.22 -8.42
N PRO A 30 24.27 -4.89 -7.83
CA PRO A 30 24.80 -3.52 -7.87
C PRO A 30 24.85 -2.83 -9.25
N HIS A 31 24.92 -3.62 -10.32
CA HIS A 31 24.87 -3.07 -11.68
C HIS A 31 23.60 -2.24 -11.93
N LEU A 32 22.50 -2.51 -11.22
CA LEU A 32 21.23 -1.80 -11.44
C LEU A 32 21.07 -0.51 -10.61
N ARG A 33 22.03 -0.22 -9.74
CA ARG A 33 21.97 0.97 -8.90
C ARG A 33 22.23 2.22 -9.71
N ASN A 34 21.53 3.30 -9.36
CA ASN A 34 21.70 4.63 -9.97
C ASN A 34 21.44 4.64 -11.47
N LYS A 35 20.46 3.87 -11.89
CA LYS A 35 20.23 3.61 -13.31
C LYS A 35 18.76 3.47 -13.59
N PRO A 36 18.32 3.96 -14.75
CA PRO A 36 16.92 3.71 -15.11
C PRO A 36 16.75 2.21 -15.24
N CYS A 37 16.00 1.61 -14.33
CA CYS A 37 15.63 0.21 -14.48
C CYS A 37 14.22 -0.05 -14.04
N ALA A 38 13.74 -1.26 -14.31
CA ALA A 38 12.37 -1.70 -13.98
C ALA A 38 12.28 -3.20 -13.68
N VAL A 39 11.25 -3.58 -12.94
CA VAL A 39 11.04 -4.96 -12.60
C VAL A 39 9.87 -5.45 -13.43
N VAL A 40 9.97 -6.68 -13.92
CA VAL A 40 9.17 -7.17 -15.05
C VAL A 40 8.65 -8.60 -14.79
N GLN A 41 7.53 -8.92 -15.42
CA GLN A 41 6.83 -10.17 -15.23
C GLN A 41 6.52 -10.82 -16.54
N TYR A 42 7.06 -12.00 -16.76
CA TYR A 42 6.86 -12.82 -17.97
C TYR A 42 7.46 -12.24 -19.27
N LYS A 43 8.73 -12.52 -19.52
CA LYS A 43 9.49 -11.97 -20.67
C LYS A 43 8.87 -12.12 -22.07
N SER A 44 8.16 -13.22 -22.31
CA SER A 44 7.70 -13.57 -23.67
C SER A 44 6.83 -12.51 -24.33
N TRP A 45 5.69 -12.17 -23.69
CA TRP A 45 4.74 -11.18 -24.24
C TRP A 45 5.31 -9.76 -24.09
N LYS A 46 5.83 -9.24 -25.20
CA LYS A 46 6.28 -7.87 -25.35
C LYS A 46 7.35 -7.45 -24.32
N GLY A 47 8.23 -8.38 -24.01
CA GLY A 47 9.36 -8.14 -23.12
C GLY A 47 8.99 -8.29 -21.65
N GLY A 48 7.74 -8.67 -21.38
CA GLY A 48 7.18 -8.67 -20.03
C GLY A 48 6.56 -7.36 -19.60
N GLY A 49 5.57 -7.46 -18.71
CA GLY A 49 4.84 -6.30 -18.22
C GLY A 49 5.52 -5.69 -17.01
N ILE A 50 5.67 -4.36 -17.00
CA ILE A 50 6.39 -3.66 -15.92
C ILE A 50 5.53 -3.53 -14.65
N ILE A 51 6.08 -3.93 -13.51
CA ILE A 51 5.42 -3.76 -12.20
C ILE A 51 6.10 -2.78 -11.23
N ALA A 52 7.33 -2.35 -11.54
CA ALA A 52 8.02 -1.36 -10.72
C ALA A 52 9.05 -0.62 -11.56
N VAL A 53 9.28 0.67 -11.26
CA VAL A 53 10.10 1.56 -12.11
C VAL A 53 10.99 2.43 -11.25
N SER A 54 12.29 2.49 -11.54
CA SER A 54 13.20 3.35 -10.79
C SER A 54 12.88 4.81 -11.06
N TYR A 55 13.39 5.71 -10.21
CA TYR A 55 13.10 7.15 -10.38
C TYR A 55 13.84 7.77 -11.59
N GLU A 56 15.01 7.22 -11.88
CA GLU A 56 15.82 7.60 -13.05
C GLU A 56 15.04 7.26 -14.32
N ALA A 57 14.40 6.08 -14.31
CA ALA A 57 13.57 5.60 -15.42
C ALA A 57 12.25 6.35 -15.60
N ARG A 58 11.68 6.79 -14.46
CA ARG A 58 10.47 7.62 -14.48
C ARG A 58 10.69 8.96 -15.21
N ALA A 59 11.88 9.54 -15.09
CA ALA A 59 12.23 10.72 -15.88
C ALA A 59 12.13 10.52 -17.40
N PHE A 60 12.02 9.30 -17.91
CA PHE A 60 11.83 9.07 -19.34
C PHE A 60 10.37 8.76 -19.70
N GLY A 61 9.48 8.63 -18.72
CA GLY A 61 8.06 8.37 -18.97
C GLY A 61 7.61 6.93 -18.79
N VAL A 62 8.45 6.12 -18.17
CA VAL A 62 8.21 4.69 -18.02
C VAL A 62 7.34 4.48 -16.82
N THR A 63 6.31 3.66 -16.98
CA THR A 63 5.28 3.52 -15.99
C THR A 63 4.92 2.05 -15.80
N ARG A 64 4.31 1.78 -14.66
CA ARG A 64 3.72 0.46 -14.39
C ARG A 64 2.64 0.14 -15.45
N SER A 65 2.33 -1.14 -15.68
CA SER A 65 1.37 -1.61 -16.74
C SER A 65 1.98 -1.73 -18.15
N MET A 66 2.64 -0.67 -18.57
CA MET A 66 3.56 -0.66 -19.74
C MET A 66 4.34 -1.99 -20.01
N TRP A 67 4.29 -2.44 -21.26
CA TRP A 67 5.15 -3.56 -21.73
C TRP A 67 6.59 -3.09 -21.88
N ALA A 68 7.55 -3.96 -21.56
CA ALA A 68 8.96 -3.58 -21.55
C ALA A 68 9.43 -3.07 -22.91
N ASP A 69 8.94 -3.68 -23.98
CA ASP A 69 9.33 -3.30 -25.36
C ASP A 69 8.90 -1.89 -25.72
N ASP A 70 7.73 -1.53 -25.25
CA ASP A 70 7.25 -0.17 -25.38
C ASP A 70 8.10 0.73 -24.47
N ALA A 71 8.37 0.25 -23.28
CA ALA A 71 9.20 0.99 -22.33
C ALA A 71 10.59 1.31 -22.86
N LYS A 72 11.17 0.39 -23.64
CA LYS A 72 12.49 0.58 -24.31
C LYS A 72 12.49 1.61 -25.46
N LYS A 73 11.31 2.04 -25.89
CA LYS A 73 11.22 3.06 -26.91
C LYS A 73 11.46 4.40 -26.24
N LEU A 74 10.84 4.62 -25.10
CA LEU A 74 11.01 5.86 -24.34
C LEU A 74 12.40 5.97 -23.72
N CYS A 75 13.04 4.82 -23.46
CA CYS A 75 14.24 4.76 -22.67
C CYS A 75 15.01 3.54 -23.12
N PRO A 76 15.81 3.66 -24.22
CA PRO A 76 16.62 2.55 -24.78
C PRO A 76 17.66 1.93 -23.82
N ASP A 77 18.20 2.73 -22.90
CA ASP A 77 19.16 2.25 -21.89
C ASP A 77 18.56 1.57 -20.62
N LEU A 78 17.26 1.26 -20.65
CA LEU A 78 16.55 0.73 -19.47
C LEU A 78 16.98 -0.71 -19.18
N LEU A 79 17.36 -0.95 -17.92
CA LEU A 79 17.74 -2.24 -17.46
C LEU A 79 16.50 -2.91 -16.84
N LEU A 80 16.37 -4.22 -17.01
CA LEU A 80 15.28 -4.98 -16.39
C LEU A 80 15.83 -6.06 -15.46
N ALA A 81 15.18 -6.24 -14.31
CA ALA A 81 15.20 -7.51 -13.59
C ALA A 81 13.87 -8.23 -13.81
N GLN A 82 13.90 -9.55 -13.81
CA GLN A 82 12.69 -10.35 -13.95
C GLN A 82 12.27 -10.94 -12.64
N VAL A 83 10.97 -10.98 -12.42
CA VAL A 83 10.42 -11.73 -11.32
C VAL A 83 10.76 -13.22 -11.50
N ARG A 84 11.13 -13.85 -10.39
CA ARG A 84 11.34 -15.30 -10.34
C ARG A 84 10.03 -16.00 -10.76
N GLU A 85 10.14 -17.00 -11.62
CA GLU A 85 9.00 -17.76 -12.11
C GLU A 85 9.12 -19.16 -11.57
N SER A 86 8.06 -19.75 -11.03
CA SER A 86 8.19 -21.05 -10.38
C SER A 86 7.29 -22.21 -10.76
N ARG A 87 6.04 -22.00 -11.12
CA ARG A 87 5.38 -23.09 -11.83
C ARG A 87 4.67 -22.55 -13.03
N GLY A 88 5.45 -22.05 -13.97
CA GLY A 88 4.90 -21.20 -14.99
C GLY A 88 4.09 -20.09 -14.37
N LYS A 89 4.54 -19.58 -13.21
CA LYS A 89 3.90 -18.42 -12.61
C LYS A 89 4.86 -17.61 -11.78
N ALA A 90 4.59 -16.31 -11.69
CA ALA A 90 5.43 -15.39 -10.94
C ALA A 90 5.42 -15.77 -9.45
N ASN A 91 6.63 -15.77 -8.86
CA ASN A 91 6.81 -16.06 -7.43
C ASN A 91 7.44 -14.85 -6.77
N LEU A 92 6.70 -14.31 -5.81
CA LEU A 92 7.04 -13.03 -5.19
C LEU A 92 7.81 -13.15 -3.86
N THR A 93 8.27 -14.33 -3.49
CA THR A 93 8.84 -14.56 -2.16
C THR A 93 9.97 -13.62 -1.83
N LYS A 94 10.80 -13.30 -2.81
CA LYS A 94 11.91 -12.34 -2.59
C LYS A 94 11.47 -11.03 -1.97
N TYR A 95 10.34 -10.50 -2.46
CA TYR A 95 9.77 -9.21 -2.04
C TYR A 95 8.95 -9.31 -0.75
N ARG A 96 8.40 -10.50 -0.49
CA ARG A 96 7.77 -10.79 0.82
C ARG A 96 8.81 -10.87 1.95
N GLU A 97 9.89 -11.60 1.67
CA GLU A 97 11.00 -11.74 2.59
C GLU A 97 11.70 -10.40 2.82
N ALA A 98 11.77 -9.57 1.78
CA ALA A 98 12.31 -8.21 1.92
C ALA A 98 11.41 -7.27 2.74
N SER A 99 10.10 -7.48 2.66
CA SER A 99 9.10 -6.72 3.42
C SER A 99 9.17 -7.03 4.92
N VAL A 100 9.26 -8.32 5.24
CA VAL A 100 9.46 -8.78 6.62
C VAL A 100 10.66 -8.08 7.30
N GLU A 101 11.79 -8.04 6.60
CA GLU A 101 12.93 -7.22 7.02
C GLU A 101 12.46 -5.83 7.52
N VAL A 102 11.70 -5.16 6.69
CA VAL A 102 11.24 -3.81 6.95
C VAL A 102 10.24 -3.80 8.09
N MET A 103 9.23 -4.67 8.05
CA MET A 103 8.18 -4.63 9.08
C MET A 103 8.76 -4.94 10.46
N GLU A 104 9.76 -5.80 10.55
CA GLU A 104 10.29 -6.17 11.86
C GLU A 104 10.97 -4.98 12.54
N ILE A 105 11.74 -4.23 11.76
CA ILE A 105 12.40 -2.99 12.22
C ILE A 105 11.34 -1.98 12.71
N MET A 106 10.40 -1.63 11.84
CA MET A 106 9.29 -0.77 12.22
C MET A 106 8.53 -1.26 13.47
N SER A 107 8.36 -2.57 13.61
CA SER A 107 7.72 -3.13 14.79
C SER A 107 8.43 -2.84 16.09
N ARG A 108 9.72 -2.53 16.01
CA ARG A 108 10.51 -2.13 17.19
C ARG A 108 10.15 -0.79 17.79
N PHE A 109 9.53 0.07 17.02
CA PHE A 109 9.23 1.41 17.49
C PHE A 109 7.84 1.52 18.02
N ALA A 110 6.92 0.88 17.32
CA ALA A 110 5.52 1.02 17.61
C ALA A 110 4.78 -0.13 16.95
N VAL A 111 3.56 -0.32 17.39
CA VAL A 111 2.77 -1.41 16.89
C VAL A 111 2.20 -0.90 15.57
N ILE A 112 2.39 -1.71 14.53
CA ILE A 112 2.17 -1.30 13.14
C ILE A 112 0.99 -2.04 12.55
N GLU A 113 0.31 -1.36 11.63
CA GLU A 113 -0.63 -1.97 10.70
C GLU A 113 0.04 -2.12 9.35
N ARG A 114 0.43 -3.35 9.02
CA ARG A 114 0.83 -3.70 7.65
C ARG A 114 -0.36 -3.42 6.70
N ALA A 115 -0.14 -2.50 5.78
CA ALA A 115 -1.14 -2.07 4.80
C ALA A 115 -0.91 -2.60 3.40
N SER A 116 0.30 -3.05 3.09
CA SER A 116 0.65 -3.63 1.81
C SER A 116 2.01 -4.27 1.97
N ILE A 117 2.55 -4.87 0.92
CA ILE A 117 3.87 -5.47 1.00
C ILE A 117 4.97 -4.47 1.32
N ASP A 118 4.84 -3.22 0.86
CA ASP A 118 5.87 -2.21 1.16
C ASP A 118 5.39 -1.04 1.99
N GLU A 119 4.25 -1.12 2.66
CA GLU A 119 3.81 -0.01 3.54
C GLU A 119 3.02 -0.39 4.80
N ALA A 120 3.39 0.25 5.90
CA ALA A 120 2.68 0.09 7.16
C ALA A 120 2.32 1.44 7.78
N TYR A 121 1.16 1.49 8.42
CA TYR A 121 0.81 2.62 9.25
C TYR A 121 1.39 2.45 10.64
N VAL A 122 1.64 3.56 11.31
CA VAL A 122 2.18 3.55 12.67
C VAL A 122 1.44 4.53 13.55
N ASP A 123 1.07 4.11 14.78
CA ASP A 123 0.46 5.00 15.78
C ASP A 123 1.55 5.40 16.76
N LEU A 124 1.91 6.67 16.78
CA LEU A 124 3.03 7.13 17.63
C LEU A 124 2.62 7.95 18.85
N THR A 125 1.32 8.08 19.10
CA THR A 125 0.84 8.83 20.27
C THR A 125 1.64 8.52 21.52
N SER A 126 1.81 7.24 21.82
CA SER A 126 2.49 6.81 23.05
C SER A 126 3.97 7.12 23.01
N ALA A 127 4.64 6.72 21.93
CA ALA A 127 6.06 7.01 21.76
C ALA A 127 6.41 8.51 21.83
N VAL A 128 5.53 9.34 21.27
CA VAL A 128 5.67 10.81 21.34
C VAL A 128 5.55 11.31 22.79
N GLN A 129 4.48 10.91 23.49
CA GLN A 129 4.27 11.33 24.89
C GLN A 129 5.46 10.93 25.74
N GLU A 130 5.84 9.66 25.63
CA GLU A 130 6.94 9.08 26.39
C GLU A 130 8.30 9.74 26.03
N ARG A 131 8.42 10.22 24.80
CA ARG A 131 9.60 10.99 24.36
C ARG A 131 9.56 12.46 24.79
N LEU A 132 8.38 13.08 24.79
CA LEU A 132 8.22 14.43 25.33
C LEU A 132 8.72 14.58 26.77
N GLN A 133 8.44 13.58 27.63
CA GLN A 133 8.94 13.60 29.03
C GLN A 133 10.47 13.56 29.06
N LYS A 134 11.06 12.78 28.16
CA LYS A 134 12.51 12.57 28.11
C LYS A 134 13.29 13.83 27.68
N LEU A 135 12.71 14.65 26.80
CA LEU A 135 13.34 15.93 26.46
C LEU A 135 12.86 16.95 27.49
N GLN A 136 13.81 17.64 28.12
CA GLN A 136 13.54 18.46 29.30
C GLN A 136 12.91 19.83 28.93
N GLY A 137 11.79 19.82 28.20
CA GLY A 137 11.28 21.02 27.54
C GLY A 137 12.34 21.75 26.69
N GLN A 138 13.29 21.00 26.14
CA GLN A 138 14.36 21.55 25.31
C GLN A 138 13.82 21.71 23.90
N PRO A 139 14.41 22.62 23.10
CA PRO A 139 13.94 22.76 21.72
C PRO A 139 14.22 21.52 20.83
N ILE A 140 13.74 21.59 19.60
CA ILE A 140 13.97 20.56 18.61
C ILE A 140 14.89 21.22 17.59
N SER A 141 16.13 20.75 17.55
CA SER A 141 17.11 21.20 16.56
C SER A 141 16.60 20.82 15.16
N ALA A 142 16.89 21.66 14.18
CA ALA A 142 16.62 21.29 12.80
C ALA A 142 17.40 20.04 12.41
N ASP A 143 18.53 19.82 13.07
CA ASP A 143 19.37 18.67 12.76
C ASP A 143 18.71 17.33 13.15
N LEU A 144 17.65 17.38 13.92
CA LEU A 144 16.89 16.19 14.26
C LEU A 144 15.91 15.80 13.14
N LEU A 145 15.68 16.72 12.20
CA LEU A 145 14.74 16.53 11.09
C LEU A 145 15.38 16.83 9.71
N PRO A 146 16.47 16.13 9.36
CA PRO A 146 17.23 16.44 8.14
C PRO A 146 16.56 16.11 6.78
N SER A 147 15.39 15.43 6.81
CA SER A 147 14.64 15.07 5.60
C SER A 147 13.13 15.38 5.68
N THR A 148 12.73 16.21 6.63
CA THR A 148 11.33 16.57 6.83
C THR A 148 10.93 17.83 6.07
N TYR A 149 9.78 17.78 5.38
CA TYR A 149 9.08 18.95 4.79
C TYR A 149 7.86 19.29 5.64
N ILE A 150 7.58 20.57 5.82
CA ILE A 150 6.36 21.01 6.50
C ILE A 150 5.41 21.53 5.43
N GLU A 151 4.35 20.78 5.15
CA GLU A 151 3.46 21.16 4.06
C GLU A 151 2.88 22.56 4.30
N GLY A 152 2.87 23.38 3.24
CA GLY A 152 2.46 24.78 3.33
C GLY A 152 3.49 25.82 3.81
N LEU A 153 4.71 25.39 4.17
CA LEU A 153 5.79 26.28 4.57
C LEU A 153 6.97 26.12 3.62
N PRO A 154 7.72 27.16 3.31
CA PRO A 154 7.59 28.50 3.89
C PRO A 154 6.47 29.30 3.24
N GLN A 155 5.81 30.15 4.03
CA GLN A 155 4.80 31.09 3.55
C GLN A 155 5.22 32.46 4.09
N GLY A 156 4.50 33.49 3.65
CA GLY A 156 4.62 34.84 4.20
C GLY A 156 5.74 35.64 3.54
N PRO A 157 6.05 36.83 4.09
CA PRO A 157 7.23 37.62 3.71
C PRO A 157 8.46 37.35 4.62
N THR A 163 16.74 31.89 -2.21
CA THR A 163 17.06 30.46 -2.37
C THR A 163 15.99 29.72 -3.20
N VAL A 164 16.34 29.50 -4.47
CA VAL A 164 15.44 28.87 -5.45
C VAL A 164 15.41 27.34 -5.32
N GLN A 165 16.57 26.74 -5.04
CA GLN A 165 16.73 25.26 -5.05
C GLN A 165 16.10 24.57 -3.85
N LYS A 166 15.70 23.32 -4.04
CA LYS A 166 14.63 22.72 -3.24
C LYS A 166 14.97 22.44 -1.78
N GLU A 167 16.20 22.03 -1.51
CA GLU A 167 16.68 21.90 -0.12
C GLU A 167 16.63 23.25 0.61
N GLY A 168 16.78 24.33 -0.14
CA GLY A 168 16.69 25.70 0.37
C GLY A 168 15.34 26.00 0.99
N MET A 169 14.28 25.76 0.22
CA MET A 169 12.89 25.87 0.69
C MET A 169 12.66 24.94 1.87
N ARG A 170 13.08 23.68 1.75
CA ARG A 170 12.81 22.72 2.84
C ARG A 170 13.19 23.26 4.19
N LYS A 171 14.43 23.78 4.28
CA LYS A 171 14.99 24.35 5.51
C LYS A 171 14.23 25.58 5.99
N GLN A 172 13.79 26.40 5.04
CA GLN A 172 13.10 27.66 5.33
C GLN A 172 11.76 27.41 6.03
N GLY A 173 10.96 26.50 5.45
CA GLY A 173 9.74 26.06 6.06
C GLY A 173 10.01 25.38 7.38
N LEU A 174 11.05 24.54 7.43
CA LEU A 174 11.43 23.86 8.68
C LEU A 174 11.76 24.84 9.82
N PHE A 175 12.56 25.86 9.52
CA PHE A 175 12.91 26.87 10.50
C PHE A 175 11.68 27.69 10.90
N GLN A 176 10.88 28.12 9.91
CA GLN A 176 9.68 28.89 10.19
C GLN A 176 8.81 28.14 11.15
N TRP A 177 8.65 26.84 10.90
CA TRP A 177 7.84 25.96 11.74
C TRP A 177 8.46 25.87 13.14
N LEU A 178 9.72 25.44 13.18
CA LEU A 178 10.41 25.25 14.45
C LEU A 178 10.49 26.52 15.28
N ASP A 179 10.80 27.64 14.63
CA ASP A 179 10.82 28.94 15.33
C ASP A 179 9.47 29.26 15.99
N SER A 180 8.37 28.86 15.36
CA SER A 180 7.04 29.17 15.89
C SER A 180 6.52 28.15 16.90
N LEU A 181 7.35 27.20 17.34
CA LEU A 181 6.83 26.07 18.14
C LEU A 181 6.48 26.37 19.60
N GLN A 182 5.49 25.62 20.11
CA GLN A 182 4.88 25.77 21.45
C GLN A 182 5.48 24.76 22.46
N ILE A 183 6.81 24.74 22.58
CA ILE A 183 7.55 23.79 23.44
C ILE A 183 7.12 23.79 24.92
N ASP A 184 6.69 24.95 25.44
CA ASP A 184 6.12 25.08 26.79
C ASP A 184 4.91 24.14 26.99
N ASN A 185 4.04 24.02 25.98
CA ASN A 185 2.81 23.21 26.06
C ASN A 185 3.07 21.78 25.61
N LEU A 186 2.75 20.81 26.47
CA LEU A 186 2.94 19.36 26.18
C LEU A 186 1.88 18.82 25.22
N THR A 187 0.63 19.22 25.43
CA THR A 187 -0.48 18.74 24.62
C THR A 187 -0.75 19.60 23.38
N SER A 188 0.18 20.48 22.99
CA SER A 188 0.12 21.12 21.67
C SER A 188 0.26 20.09 20.56
N PRO A 189 -0.78 19.94 19.72
CA PRO A 189 -0.70 18.91 18.69
C PRO A 189 0.45 19.08 17.72
N ASP A 190 0.84 20.32 17.42
CA ASP A 190 1.88 20.60 16.41
C ASP A 190 3.22 20.12 16.89
N LEU A 191 3.49 20.37 18.17
CA LEU A 191 4.65 19.82 18.88
C LEU A 191 4.68 18.29 18.85
N GLN A 192 3.53 17.66 18.99
CA GLN A 192 3.46 16.20 18.92
C GLN A 192 3.89 15.67 17.56
N LEU A 193 3.20 16.14 16.51
CA LEU A 193 3.59 15.87 15.12
C LEU A 193 5.08 16.04 14.90
N THR A 194 5.66 17.10 15.49
CA THR A 194 7.10 17.32 15.38
C THR A 194 7.93 16.20 16.04
N VAL A 195 7.51 15.73 17.21
CA VAL A 195 8.26 14.67 17.92
C VAL A 195 8.09 13.39 17.12
N GLY A 196 6.85 13.12 16.71
CA GLY A 196 6.57 12.01 15.81
C GLY A 196 7.51 12.00 14.62
N ALA A 197 7.72 13.18 14.07
CA ALA A 197 8.55 13.33 12.88
C ALA A 197 10.00 12.91 13.13
N VAL A 198 10.55 13.36 14.26
CA VAL A 198 11.90 13.01 14.73
C VAL A 198 12.04 11.49 14.91
N ILE A 199 11.02 10.86 15.47
CA ILE A 199 11.01 9.39 15.58
C ILE A 199 11.07 8.71 14.21
N VAL A 200 10.30 9.23 13.25
CA VAL A 200 10.22 8.65 11.90
C VAL A 200 11.57 8.84 11.19
N GLU A 201 12.25 9.96 11.41
CA GLU A 201 13.65 10.11 10.92
C GLU A 201 14.51 8.93 11.42
N GLU A 202 14.33 8.60 12.70
CA GLU A 202 15.02 7.48 13.31
C GLU A 202 14.64 6.16 12.62
N MET A 203 13.35 5.83 12.64
CA MET A 203 12.84 4.64 11.97
C MET A 203 13.42 4.45 10.60
N ARG A 204 13.34 5.50 9.81
CA ARG A 204 13.79 5.48 8.42
C ARG A 204 15.31 5.33 8.33
N ALA A 205 16.05 6.00 9.19
CA ALA A 205 17.50 5.83 9.25
C ALA A 205 17.86 4.39 9.69
N ALA A 206 17.06 3.83 10.58
CA ALA A 206 17.21 2.43 10.97
C ALA A 206 16.92 1.47 9.80
N ILE A 207 15.83 1.73 9.07
CA ILE A 207 15.49 0.85 7.95
C ILE A 207 16.67 0.84 6.97
N GLU A 208 17.22 2.01 6.64
CA GLU A 208 18.19 2.08 5.58
C GLU A 208 19.50 1.47 5.99
N ARG A 209 19.98 1.79 7.18
CA ARG A 209 21.19 1.16 7.72
C ARG A 209 21.09 -0.38 7.71
N GLU A 210 19.96 -0.91 8.17
CA GLU A 210 19.81 -2.32 8.37
C GLU A 210 19.39 -3.13 7.11
N THR A 211 18.88 -2.44 6.07
CA THR A 211 18.50 -3.08 4.78
C THR A 211 19.09 -2.46 3.50
N GLY A 212 19.56 -1.23 3.58
CA GLY A 212 19.91 -0.49 2.38
C GLY A 212 18.71 0.02 1.60
N PHE A 213 17.50 -0.07 2.16
CA PHE A 213 16.32 0.42 1.46
C PHE A 213 15.93 1.79 1.97
N GLN A 214 15.65 2.69 1.03
CA GLN A 214 15.09 3.99 1.33
C GLN A 214 13.56 4.03 1.22
N CYS A 215 12.95 4.91 2.00
CA CYS A 215 11.52 5.12 1.95
C CYS A 215 11.15 6.58 2.17
N SER A 216 9.90 6.91 1.90
CA SER A 216 9.30 8.17 2.31
C SER A 216 8.26 7.93 3.40
N ALA A 217 7.86 9.00 4.06
CA ALA A 217 6.85 8.89 5.11
C ALA A 217 5.94 10.13 5.24
N GLY A 218 4.70 9.90 5.64
CA GLY A 218 3.84 10.98 6.05
C GLY A 218 3.56 10.94 7.55
N ILE A 219 3.51 12.10 8.20
CA ILE A 219 3.17 12.21 9.61
C ILE A 219 1.98 13.13 9.73
N SER A 220 0.91 12.68 10.36
CA SER A 220 -0.23 13.55 10.63
C SER A 220 -1.01 13.07 11.86
N HIS A 221 -2.31 13.33 11.93
CA HIS A 221 -3.15 12.89 13.07
C HIS A 221 -4.02 11.71 12.74
N ASN A 222 -3.95 11.22 11.51
CA ASN A 222 -4.77 10.09 11.10
C ASN A 222 -4.16 9.37 9.91
N LYS A 223 -4.79 8.28 9.49
CA LYS A 223 -4.20 7.44 8.43
C LYS A 223 -4.31 8.09 7.06
N VAL A 224 -5.39 8.81 6.82
CA VAL A 224 -5.60 9.36 5.50
C VAL A 224 -4.68 10.56 5.18
N LEU A 225 -4.50 11.44 6.15
CA LEU A 225 -3.50 12.51 5.99
C LEU A 225 -2.08 11.96 5.92
N ALA A 226 -1.76 11.00 6.77
CA ALA A 226 -0.45 10.41 6.75
C ALA A 226 -0.16 9.88 5.35
N LYS A 227 -1.07 9.05 4.84
CA LYS A 227 -0.99 8.55 3.45
C LYS A 227 -0.74 9.67 2.42
N LEU A 228 -1.68 10.62 2.35
CA LEU A 228 -1.54 11.78 1.49
C LEU A 228 -0.19 12.47 1.65
N ALA A 229 0.24 12.68 2.89
CA ALA A 229 1.45 13.44 3.15
C ALA A 229 2.66 12.70 2.58
N CYS A 230 2.68 11.40 2.78
CA CYS A 230 3.80 10.58 2.34
C CYS A 230 4.12 10.78 0.84
N GLY A 231 3.09 10.96 0.02
CA GLY A 231 3.26 11.20 -1.39
C GLY A 231 3.81 12.56 -1.75
N LEU A 232 3.76 13.53 -0.87
CA LEU A 232 4.04 14.91 -1.27
C LEU A 232 5.51 15.18 -1.57
N ASN A 233 6.41 14.49 -0.88
CA ASN A 233 7.84 14.65 -1.17
C ASN A 233 8.54 13.30 -1.24
N LYS A 234 8.40 12.66 -2.39
CA LYS A 234 9.07 11.40 -2.69
C LYS A 234 10.16 11.77 -3.67
N PRO A 235 11.26 11.01 -3.79
CA PRO A 235 11.63 9.89 -2.92
C PRO A 235 12.49 10.33 -1.75
N ASN A 236 12.65 9.41 -0.82
CA ASN A 236 13.59 9.52 0.29
C ASN A 236 13.49 10.80 1.12
N ARG A 237 12.25 11.22 1.40
CA ARG A 237 11.95 12.38 2.26
C ARG A 237 10.70 12.10 3.11
N GLN A 238 10.51 12.81 4.22
CA GLN A 238 9.24 12.70 4.94
C GLN A 238 8.51 14.04 4.98
N THR A 239 7.19 13.96 5.12
CA THR A 239 6.38 15.17 5.16
C THR A 239 5.46 15.16 6.38
N LEU A 240 5.45 16.31 7.06
CA LEU A 240 4.52 16.60 8.16
C LEU A 240 3.32 17.41 7.58
N VAL A 241 2.11 16.83 7.72
CA VAL A 241 0.85 17.55 7.45
C VAL A 241 0.11 17.78 8.75
N SER A 242 0.19 19.02 9.22
CA SER A 242 -0.51 19.50 10.42
C SER A 242 -1.94 19.90 10.14
N HIS A 243 -2.75 19.85 11.20
CA HIS A 243 -4.15 20.29 11.16
C HIS A 243 -4.33 21.64 10.40
N GLY A 244 -3.52 22.64 10.74
CA GLY A 244 -3.61 23.97 10.14
C GLY A 244 -3.31 24.10 8.66
N SER A 245 -2.48 23.19 8.13
CA SER A 245 -2.16 23.20 6.69
C SER A 245 -3.32 22.72 5.82
N VAL A 246 -4.32 22.10 6.46
CA VAL A 246 -5.32 21.31 5.74
C VAL A 246 -6.16 22.16 4.80
N PRO A 247 -6.74 23.27 5.30
CA PRO A 247 -7.61 24.07 4.40
C PRO A 247 -6.98 24.47 3.07
N GLN A 248 -5.73 24.92 3.11
CA GLN A 248 -5.01 25.26 1.91
C GLN A 248 -4.68 23.97 1.11
N LEU A 249 -4.14 22.97 1.79
CA LEU A 249 -3.82 21.70 1.12
C LEU A 249 -5.06 21.14 0.42
N PHE A 250 -6.18 21.06 1.11
CA PHE A 250 -7.40 20.54 0.48
C PHE A 250 -8.09 21.44 -0.53
N SER A 251 -7.81 22.75 -0.49
CA SER A 251 -8.50 23.71 -1.37
C SER A 251 -8.21 23.49 -2.86
N GLN A 252 -7.06 22.90 -3.17
CA GLN A 252 -6.76 22.49 -4.54
C GLN A 252 -6.45 20.99 -4.69
N MET A 253 -6.69 20.22 -3.64
CA MET A 253 -6.45 18.78 -3.67
C MET A 253 -7.60 18.09 -4.40
N PRO A 254 -7.33 17.50 -5.60
CA PRO A 254 -8.41 16.70 -6.21
C PRO A 254 -8.89 15.58 -5.31
N ILE A 255 -10.20 15.50 -5.17
CA ILE A 255 -10.87 14.48 -4.39
C ILE A 255 -10.32 13.04 -4.60
N ARG A 256 -9.96 12.69 -5.84
CA ARG A 256 -9.49 11.32 -6.16
C ARG A 256 -8.18 10.92 -5.48
N LYS A 257 -7.46 11.93 -4.99
CA LYS A 257 -6.18 11.74 -4.33
C LYS A 257 -6.29 11.26 -2.92
N ILE A 258 -7.50 11.30 -2.36
CA ILE A 258 -7.79 10.82 -0.99
C ILE A 258 -8.19 9.34 -0.98
N ARG A 259 -7.65 8.63 0.00
CA ARG A 259 -7.76 7.18 0.06
C ARG A 259 -9.21 6.78 0.23
N SER A 260 -9.67 5.89 -0.66
CA SER A 260 -11.06 5.39 -0.77
C SER A 260 -11.97 6.25 -1.66
N LEU A 261 -11.45 7.37 -2.17
CA LEU A 261 -12.14 8.21 -3.16
C LEU A 261 -11.51 8.13 -4.54
N GLY A 262 -10.47 7.32 -4.70
CA GLY A 262 -9.91 7.06 -6.02
C GLY A 262 -10.77 6.25 -7.01
N GLY A 263 -11.88 5.66 -6.55
CA GLY A 263 -12.76 4.86 -7.41
C GLY A 263 -14.10 5.53 -7.66
N LYS A 264 -15.18 4.73 -7.79
CA LYS A 264 -16.54 5.23 -8.12
C LYS A 264 -17.26 6.13 -7.10
N LEU A 265 -17.17 5.83 -5.79
CA LEU A 265 -17.77 6.72 -4.78
C LEU A 265 -17.28 8.16 -4.97
N GLY A 266 -15.97 8.33 -5.14
CA GLY A 266 -15.38 9.61 -5.46
C GLY A 266 -15.85 10.22 -6.79
N ALA A 267 -16.11 9.36 -7.77
CA ALA A 267 -16.58 9.83 -9.06
C ALA A 267 -17.96 10.41 -8.90
N SER A 268 -18.78 9.80 -8.05
CA SER A 268 -20.15 10.28 -7.81
C SER A 268 -20.23 11.46 -6.84
N VAL A 269 -19.20 11.66 -6.02
CA VAL A 269 -19.11 12.87 -5.21
C VAL A 269 -18.90 14.05 -6.14
N ILE A 270 -18.06 13.86 -7.14
CA ILE A 270 -17.87 14.89 -8.14
C ILE A 270 -19.18 15.10 -8.91
N GLU A 271 -19.73 14.04 -9.51
CA GLU A 271 -20.91 14.15 -10.38
C GLU A 271 -22.16 14.70 -9.65
N ILE A 272 -22.43 14.19 -8.44
CA ILE A 272 -23.60 14.66 -7.65
C ILE A 272 -23.40 16.12 -7.25
N LEU A 273 -22.40 16.36 -6.42
CA LEU A 273 -22.17 17.69 -5.82
C LEU A 273 -21.63 18.75 -6.78
N GLY A 274 -21.07 18.33 -7.92
CA GLY A 274 -20.53 19.27 -8.90
C GLY A 274 -19.28 20.01 -8.46
N ILE A 275 -18.40 19.33 -7.71
CA ILE A 275 -17.17 19.92 -7.14
C ILE A 275 -15.94 19.19 -7.70
N GLU A 276 -14.74 19.77 -7.57
CA GLU A 276 -13.46 19.12 -7.99
C GLU A 276 -12.52 18.76 -6.84
N TYR A 277 -12.55 19.51 -5.74
CA TYR A 277 -11.47 19.49 -4.75
C TYR A 277 -11.98 19.19 -3.36
N MET A 278 -11.09 18.63 -2.56
CA MET A 278 -11.48 18.08 -1.28
C MET A 278 -12.10 19.13 -0.32
N GLY A 279 -11.63 20.37 -0.37
CA GLY A 279 -12.12 21.45 0.50
C GLY A 279 -13.55 21.92 0.26
N GLU A 280 -14.02 21.69 -0.96
CA GLU A 280 -15.38 22.07 -1.33
C GLU A 280 -16.42 21.25 -0.58
N LEU A 281 -16.06 20.11 -0.01
CA LEU A 281 -17.01 19.33 0.84
C LEU A 281 -17.47 19.99 2.15
N THR A 282 -16.71 20.97 2.64
CA THR A 282 -17.01 21.65 3.91
C THR A 282 -18.29 22.49 3.85
N GLN A 283 -18.69 22.89 2.64
CA GLN A 283 -19.97 23.63 2.46
C GLN A 283 -21.27 22.77 2.51
N PHE A 284 -21.15 21.52 2.93
CA PHE A 284 -22.26 20.59 2.99
C PHE A 284 -22.42 20.04 4.39
N THR A 285 -23.69 19.79 4.76
CA THR A 285 -24.04 19.38 6.10
C THR A 285 -23.80 17.89 6.19
N GLU A 286 -23.66 17.36 7.41
CA GLU A 286 -23.53 15.92 7.58
C GLU A 286 -24.80 15.21 7.02
N SER A 287 -25.97 15.74 7.34
CA SER A 287 -27.24 15.22 6.82
C SER A 287 -27.34 15.18 5.29
N GLN A 288 -26.89 16.26 4.63
CA GLN A 288 -26.87 16.38 3.16
C GLN A 288 -26.00 15.29 2.56
N LEU A 289 -24.80 15.17 3.10
CA LEU A 289 -23.82 14.20 2.63
C LEU A 289 -24.31 12.77 2.86
N GLN A 290 -24.97 12.54 3.99
CA GLN A 290 -25.53 11.22 4.29
C GLN A 290 -26.67 10.92 3.35
N SER A 291 -27.52 11.91 3.06
CA SER A 291 -28.61 11.71 2.10
C SER A 291 -28.09 11.20 0.75
N HIS A 292 -26.93 11.72 0.32
CA HIS A 292 -26.35 11.41 -1.00
C HIS A 292 -25.54 10.14 -1.05
N PHE A 293 -24.76 9.87 -0.01
CA PHE A 293 -23.76 8.78 -0.06
C PHE A 293 -23.92 7.79 1.09
N GLY A 294 -25.08 7.81 1.76
CA GLY A 294 -25.31 6.98 2.94
C GLY A 294 -24.72 7.56 4.21
N GLU A 295 -25.23 7.05 5.32
CA GLU A 295 -24.87 7.46 6.68
C GLU A 295 -23.37 7.36 7.02
N LYS A 296 -22.76 6.26 6.64
CA LYS A 296 -21.39 5.96 7.01
C LYS A 296 -20.43 6.83 6.20
N ASN A 297 -20.71 6.94 4.91
CA ASN A 297 -19.93 7.80 4.01
C ASN A 297 -20.15 9.27 4.32
N GLY A 298 -21.40 9.69 4.45
CA GLY A 298 -21.72 11.09 4.74
C GLY A 298 -20.97 11.63 5.94
N SER A 299 -20.98 10.86 7.02
CA SER A 299 -20.29 11.21 8.24
C SER A 299 -18.80 11.26 8.03
N TRP A 300 -18.27 10.19 7.47
CA TRP A 300 -16.83 10.10 7.19
C TRP A 300 -16.36 11.23 6.24
N LEU A 301 -17.15 11.55 5.21
CA LEU A 301 -16.85 12.66 4.31
C LEU A 301 -16.92 14.00 5.05
N TYR A 302 -17.99 14.20 5.82
CA TYR A 302 -18.15 15.42 6.61
C TYR A 302 -16.87 15.75 7.42
N ALA A 303 -16.48 14.83 8.29
CA ALA A 303 -15.20 14.91 8.99
C ALA A 303 -13.96 15.04 8.09
N MET A 304 -13.81 14.15 7.13
CA MET A 304 -12.54 14.06 6.37
C MET A 304 -12.15 15.38 5.73
N CYS A 305 -13.07 16.07 5.09
CA CYS A 305 -12.72 17.36 4.44
C CYS A 305 -12.27 18.46 5.40
N ARG A 306 -12.58 18.29 6.69
CA ARG A 306 -12.05 19.11 7.78
C ARG A 306 -10.79 18.47 8.44
N GLY A 307 -10.23 17.45 7.80
CA GLY A 307 -9.00 16.80 8.22
C GLY A 307 -9.17 15.89 9.43
N ILE A 308 -10.39 15.41 9.63
CA ILE A 308 -10.73 14.58 10.78
C ILE A 308 -11.16 13.19 10.27
N GLU A 309 -10.54 12.17 10.84
CA GLU A 309 -10.76 10.77 10.46
C GLU A 309 -10.38 9.88 11.62
N HIS A 310 -11.29 8.99 12.03
CA HIS A 310 -11.10 8.24 13.28
C HIS A 310 -10.63 6.78 13.10
N ASP A 311 -10.48 6.31 11.85
CA ASP A 311 -10.11 4.94 11.55
C ASP A 311 -8.79 4.55 12.27
N PRO A 312 -8.79 3.46 13.05
CA PRO A 312 -7.59 3.22 13.84
C PRO A 312 -6.48 2.46 13.11
N VAL A 313 -5.27 2.57 13.68
CA VAL A 313 -4.09 1.84 13.26
C VAL A 313 -4.21 0.48 13.93
N LYS A 314 -4.49 -0.53 13.12
CA LYS A 314 -4.87 -1.83 13.65
C LYS A 314 -3.60 -2.60 13.91
N PRO A 315 -3.50 -3.22 15.07
CA PRO A 315 -2.29 -3.98 15.38
C PRO A 315 -2.28 -5.34 14.66
N ARG A 316 -1.63 -5.38 13.50
CA ARG A 316 -1.67 -6.54 12.60
C ARG A 316 -0.48 -6.48 11.64
N GLN A 317 0.60 -7.13 12.05
CA GLN A 317 1.84 -7.18 11.27
C GLN A 317 1.76 -8.28 10.24
N LEU A 318 0.86 -9.26 10.42
CA LEU A 318 0.68 -10.37 9.44
C LEU A 318 -0.62 -10.33 8.62
N PRO A 319 -0.57 -10.88 7.39
CA PRO A 319 -1.78 -11.06 6.60
C PRO A 319 -2.83 -11.98 7.20
N LYS A 320 -4.07 -11.77 6.76
CA LYS A 320 -5.23 -12.55 7.19
C LYS A 320 -5.72 -13.52 6.13
N THR A 321 -5.17 -13.43 4.91
CA THR A 321 -5.43 -14.40 3.85
C THR A 321 -4.14 -14.61 3.09
N ILE A 322 -4.01 -15.79 2.49
CA ILE A 322 -2.85 -16.16 1.65
C ILE A 322 -3.41 -16.78 0.40
N GLY A 323 -2.87 -16.39 -0.75
CA GLY A 323 -3.47 -16.75 -2.03
C GLY A 323 -2.55 -16.70 -3.21
N CYS A 324 -2.96 -17.38 -4.28
CA CYS A 324 -2.21 -17.50 -5.54
C CYS A 324 -3.22 -17.47 -6.67
N SER A 325 -2.93 -16.65 -7.68
CA SER A 325 -3.79 -16.52 -8.85
C SER A 325 -2.97 -16.66 -10.10
N LYS A 326 -3.59 -17.23 -11.13
CA LYS A 326 -3.03 -17.10 -12.48
C LYS A 326 -4.09 -16.79 -13.51
N ASN A 327 -3.79 -15.81 -14.34
CA ASN A 327 -4.65 -15.39 -15.44
C ASN A 327 -4.21 -16.06 -16.71
N PHE A 328 -5.19 -16.51 -17.50
CA PHE A 328 -5.01 -17.18 -18.77
C PHE A 328 -5.76 -16.40 -19.85
N PRO A 329 -5.22 -15.24 -20.24
CA PRO A 329 -5.94 -14.36 -21.16
C PRO A 329 -6.04 -14.92 -22.57
N GLY A 330 -7.08 -14.47 -23.30
CA GLY A 330 -7.21 -14.68 -24.76
C GLY A 330 -7.16 -16.11 -25.24
N LYS A 331 -6.29 -16.37 -26.23
CA LYS A 331 -5.97 -17.73 -26.73
C LYS A 331 -5.67 -18.78 -25.66
N THR A 332 -5.02 -18.37 -24.57
CA THR A 332 -4.47 -19.31 -23.60
C THR A 332 -5.49 -19.92 -22.63
N ALA A 333 -6.71 -19.37 -22.58
CA ALA A 333 -7.74 -19.84 -21.65
C ALA A 333 -7.87 -21.36 -21.63
N LEU A 334 -8.16 -21.91 -20.46
CA LEU A 334 -8.11 -23.36 -20.27
C LEU A 334 -9.42 -24.00 -20.72
N ALA A 335 -9.35 -25.01 -21.60
CA ALA A 335 -10.54 -25.64 -22.18
C ALA A 335 -10.49 -27.17 -22.21
N THR A 336 -9.76 -27.76 -21.26
CA THR A 336 -9.72 -29.20 -21.05
C THR A 336 -9.61 -29.46 -19.56
N ARG A 337 -10.44 -30.32 -19.00
CA ARG A 337 -10.31 -30.66 -17.58
C ARG A 337 -8.91 -31.14 -17.27
N GLU A 338 -8.24 -31.76 -18.24
CA GLU A 338 -6.89 -32.24 -18.00
C GLU A 338 -5.92 -31.14 -17.57
N GLN A 339 -6.08 -29.92 -18.09
CA GLN A 339 -5.20 -28.79 -17.73
C GLN A 339 -5.75 -27.86 -16.62
N VAL A 340 -7.04 -27.91 -16.37
CA VAL A 340 -7.58 -27.28 -15.17
C VAL A 340 -6.96 -27.96 -13.96
N GLN A 341 -6.97 -29.29 -13.93
CA GLN A 341 -6.31 -30.04 -12.85
C GLN A 341 -4.89 -29.54 -12.65
N TRP A 342 -4.17 -29.45 -13.76
CA TRP A 342 -2.73 -29.22 -13.73
C TRP A 342 -2.36 -27.84 -13.17
N TRP A 343 -3.07 -26.81 -13.59
CA TRP A 343 -2.94 -25.48 -12.96
C TRP A 343 -3.42 -25.38 -11.50
N LEU A 344 -4.57 -25.99 -11.19
CA LEU A 344 -5.00 -26.08 -9.78
C LEU A 344 -3.93 -26.78 -8.96
N LEU A 345 -3.27 -27.78 -9.53
CA LEU A 345 -2.14 -28.41 -8.85
C LEU A 345 -0.94 -27.48 -8.67
N GLN A 346 -0.61 -26.70 -9.68
CA GLN A 346 0.54 -25.79 -9.58
C GLN A 346 0.28 -24.75 -8.52
N LEU A 347 -0.89 -24.11 -8.60
CA LEU A 347 -1.35 -23.15 -7.56
C LEU A 347 -1.31 -23.74 -6.16
N ALA A 348 -1.96 -24.89 -5.98
CA ALA A 348 -2.02 -25.58 -4.70
C ALA A 348 -0.63 -25.88 -4.17
N GLN A 349 0.29 -26.24 -5.05
CA GLN A 349 1.67 -26.49 -4.67
C GLN A 349 2.37 -25.27 -4.04
N GLU A 350 2.30 -24.13 -4.75
CA GLU A 350 2.85 -22.86 -4.24
C GLU A 350 2.20 -22.51 -2.91
N LEU A 351 0.87 -22.72 -2.83
CA LEU A 351 0.11 -22.35 -1.64
C LEU A 351 0.56 -23.09 -0.43
N GLU A 352 0.71 -24.39 -0.62
CA GLU A 352 1.23 -25.30 0.40
C GLU A 352 2.64 -24.92 0.88
N GLU A 353 3.50 -24.58 -0.09
CA GLU A 353 4.85 -24.06 0.20
C GLU A 353 4.72 -22.86 1.15
N ARG A 354 3.84 -21.93 0.77
CA ARG A 354 3.64 -20.70 1.52
C ARG A 354 2.94 -20.96 2.86
N LEU A 355 1.97 -21.87 2.88
CA LEU A 355 1.22 -22.19 4.11
C LEU A 355 2.08 -22.82 5.21
N THR A 356 2.85 -23.86 4.86
CA THR A 356 3.72 -24.56 5.83
C THR A 356 4.79 -23.66 6.46
N LYS A 357 5.27 -22.70 5.67
CA LYS A 357 6.19 -21.68 6.14
C LYS A 357 5.51 -20.79 7.14
N ASP A 358 4.31 -20.38 6.79
CA ASP A 358 3.49 -19.55 7.66
C ASP A 358 3.16 -20.25 8.98
N ARG A 359 2.92 -21.56 8.94
CA ARG A 359 2.63 -22.31 10.17
C ARG A 359 3.79 -22.34 11.16
N ASN A 360 5.01 -22.52 10.67
CA ASN A 360 6.20 -22.55 11.52
C ASN A 360 6.63 -21.16 11.98
N ASP A 361 6.53 -20.19 11.08
CA ASP A 361 6.94 -18.82 11.36
C ASP A 361 5.99 -18.19 12.37
N ASN A 362 4.70 -18.30 12.12
CA ASN A 362 3.71 -17.50 12.83
C ASN A 362 2.81 -18.26 13.80
N ASP A 363 2.96 -19.57 13.91
CA ASP A 363 2.15 -20.35 14.86
C ASP A 363 0.65 -20.20 14.61
N ARG A 364 0.24 -20.43 13.36
CA ARG A 364 -1.18 -20.43 12.98
C ARG A 364 -1.41 -21.30 11.77
N VAL A 365 -2.61 -21.83 11.68
CA VAL A 365 -3.01 -22.70 10.60
C VAL A 365 -4.26 -22.11 9.97
N ALA A 366 -4.34 -22.09 8.63
CA ALA A 366 -5.57 -21.70 7.93
C ALA A 366 -6.62 -22.83 7.93
N THR A 367 -7.90 -22.48 7.91
CA THR A 367 -8.95 -23.51 7.98
C THR A 367 -9.97 -23.52 6.84
N GLN A 368 -9.93 -22.52 5.97
CA GLN A 368 -10.86 -22.47 4.84
C GLN A 368 -10.12 -22.19 3.53
N LEU A 369 -10.60 -22.79 2.45
CA LEU A 369 -9.99 -22.68 1.13
C LEU A 369 -11.01 -22.08 0.22
N VAL A 370 -10.76 -20.86 -0.19
CA VAL A 370 -11.59 -20.20 -1.17
C VAL A 370 -11.02 -20.58 -2.53
N VAL A 371 -11.92 -20.87 -3.45
CA VAL A 371 -11.57 -21.22 -4.81
C VAL A 371 -12.35 -20.29 -5.70
N SER A 372 -11.67 -19.41 -6.41
CA SER A 372 -12.33 -18.55 -7.37
C SER A 372 -11.87 -18.92 -8.76
N ILE A 373 -12.70 -18.60 -9.74
CA ILE A 373 -12.34 -18.71 -11.15
C ILE A 373 -13.02 -17.62 -11.97
N ARG A 374 -12.57 -17.53 -13.23
CA ARG A 374 -13.21 -16.70 -14.23
C ARG A 374 -13.50 -17.57 -15.44
N VAL A 375 -14.37 -17.06 -16.31
CA VAL A 375 -14.73 -17.71 -17.55
C VAL A 375 -14.67 -16.67 -18.66
N GLN A 376 -14.38 -17.12 -19.88
CA GLN A 376 -14.15 -16.22 -21.01
C GLN A 376 -15.40 -15.40 -21.32
N GLY A 377 -15.22 -14.10 -21.59
CA GLY A 377 -16.33 -13.19 -21.93
C GLY A 377 -16.68 -12.26 -20.78
N ASP A 378 -16.98 -12.86 -19.63
CA ASP A 378 -17.18 -12.13 -18.37
C ASP A 378 -15.96 -11.22 -18.07
N LYS A 379 -16.23 -9.92 -17.86
CA LYS A 379 -15.17 -8.92 -17.63
C LYS A 379 -15.18 -8.39 -16.18
N ARG A 380 -15.40 -9.31 -15.24
CA ARG A 380 -15.38 -9.02 -13.80
C ARG A 380 -14.27 -9.87 -13.17
N LEU A 381 -13.41 -9.27 -12.32
CA LEU A 381 -12.24 -9.99 -11.73
C LEU A 381 -12.58 -11.47 -11.51
N SER A 382 -13.70 -11.72 -10.81
CA SER A 382 -14.18 -13.07 -10.51
C SER A 382 -15.52 -13.28 -11.16
N SER A 383 -15.73 -14.47 -11.70
CA SER A 383 -17.05 -14.91 -12.13
C SER A 383 -17.75 -15.49 -10.93
N LEU A 384 -17.18 -16.56 -10.36
CA LEU A 384 -17.68 -17.17 -9.12
C LEU A 384 -16.57 -17.46 -8.12
N ARG A 385 -16.99 -17.93 -6.94
CA ARG A 385 -16.14 -18.00 -5.74
C ARG A 385 -16.80 -19.00 -4.76
N ARG A 386 -16.11 -20.09 -4.43
CA ARG A 386 -16.67 -21.11 -3.56
C ARG A 386 -15.67 -21.56 -2.49
N CYS A 387 -16.15 -21.76 -1.26
CA CYS A 387 -15.29 -22.16 -0.15
C CYS A 387 -15.33 -23.67 -0.01
N CYS A 388 -14.39 -24.23 0.74
CA CYS A 388 -14.49 -25.61 1.27
C CYS A 388 -13.51 -25.76 2.43
N ALA A 389 -13.57 -26.86 3.17
CA ALA A 389 -12.70 -26.97 4.35
C ALA A 389 -11.27 -27.10 3.89
N LEU A 390 -10.37 -26.52 4.68
CA LEU A 390 -8.94 -26.69 4.50
C LEU A 390 -8.41 -27.45 5.71
N THR A 391 -8.40 -28.77 5.57
CA THR A 391 -8.12 -29.69 6.65
C THR A 391 -6.63 -30.06 6.73
N ARG A 392 -5.88 -29.84 5.65
CA ARG A 392 -4.49 -30.33 5.52
C ARG A 392 -3.70 -29.55 4.48
N TYR A 393 -2.43 -29.29 4.80
CA TYR A 393 -1.54 -28.58 3.90
C TYR A 393 -0.93 -29.60 2.92
N ASP A 394 -1.79 -30.06 1.99
CA ASP A 394 -1.41 -31.01 0.93
C ASP A 394 -1.95 -30.45 -0.36
N ALA A 395 -1.02 -30.20 -1.29
CA ALA A 395 -1.34 -29.55 -2.57
C ALA A 395 -2.27 -30.40 -3.42
N HIS A 396 -2.04 -31.71 -3.44
CA HIS A 396 -2.88 -32.66 -4.19
C HIS A 396 -4.31 -32.69 -3.62
N LYS A 397 -4.46 -32.68 -2.30
CA LYS A 397 -5.81 -32.64 -1.71
C LYS A 397 -6.54 -31.31 -1.95
N MET A 398 -5.87 -30.19 -1.68
CA MET A 398 -6.48 -28.89 -1.95
C MET A 398 -6.92 -28.79 -3.41
N SER A 399 -6.00 -29.11 -4.33
CA SER A 399 -6.30 -28.99 -5.77
C SER A 399 -7.42 -29.94 -6.20
N HIS A 400 -7.43 -31.13 -5.62
CA HIS A 400 -8.57 -32.03 -5.82
C HIS A 400 -9.86 -31.37 -5.27
N ASP A 401 -9.83 -30.95 -4.00
CA ASP A 401 -11.00 -30.31 -3.37
C ASP A 401 -11.46 -29.10 -4.19
N ALA A 402 -10.48 -28.32 -4.65
CA ALA A 402 -10.76 -27.16 -5.46
C ALA A 402 -11.43 -27.56 -6.76
N PHE A 403 -10.96 -28.64 -7.36
CA PHE A 403 -11.65 -29.17 -8.55
C PHE A 403 -13.09 -29.58 -8.22
N THR A 404 -13.26 -30.55 -7.32
CA THR A 404 -14.57 -30.96 -6.80
C THR A 404 -15.55 -29.78 -6.70
N VAL A 405 -15.10 -28.71 -6.06
CA VAL A 405 -15.92 -27.52 -5.84
C VAL A 405 -16.27 -26.76 -7.13
N ILE A 406 -15.60 -27.08 -8.25
CA ILE A 406 -15.97 -26.56 -9.58
C ILE A 406 -16.07 -27.69 -10.64
N LYS A 407 -17.29 -28.12 -10.97
CA LYS A 407 -17.54 -28.87 -12.23
C LYS A 407 -18.88 -28.43 -12.78
N ASN A 408 -19.89 -28.48 -11.91
CA ASN A 408 -21.10 -27.67 -11.99
C ASN A 408 -21.06 -26.59 -13.10
N CYS A 409 -20.08 -25.69 -12.99
CA CYS A 409 -19.87 -24.57 -13.92
C CYS A 409 -19.52 -25.00 -15.35
N ASN A 410 -18.78 -26.10 -15.47
CA ASN A 410 -18.48 -26.68 -16.79
C ASN A 410 -19.75 -27.15 -17.52
N THR A 411 -20.10 -26.42 -18.58
CA THR A 411 -21.33 -26.64 -19.35
C THR A 411 -21.17 -27.78 -20.37
N SER A 412 -20.01 -28.42 -20.42
CA SER A 412 -19.69 -29.40 -21.45
C SER A 412 -20.37 -30.76 -21.24
N GLY A 413 -21.26 -31.11 -22.18
CA GLY A 413 -21.78 -32.47 -22.32
C GLY A 413 -20.69 -33.44 -22.77
N ILE A 414 -19.83 -32.98 -23.70
CA ILE A 414 -18.58 -33.71 -24.03
C ILE A 414 -17.64 -33.65 -22.80
N GLN A 415 -17.11 -34.82 -22.45
CA GLN A 415 -16.62 -35.09 -21.09
C GLN A 415 -15.16 -34.66 -20.84
N THR A 416 -14.31 -34.93 -21.83
CA THR A 416 -12.88 -34.53 -21.79
C THR A 416 -12.64 -33.00 -21.77
N GLU A 417 -13.53 -32.23 -22.39
CA GLU A 417 -13.35 -30.80 -22.61
C GLU A 417 -13.84 -30.00 -21.42
N TRP A 418 -13.68 -28.68 -21.52
CA TRP A 418 -14.17 -27.74 -20.52
C TRP A 418 -14.72 -26.48 -21.18
N SER A 419 -16.03 -26.28 -21.01
CA SER A 419 -16.74 -25.15 -21.61
C SER A 419 -17.51 -24.39 -20.53
N PRO A 420 -17.54 -23.05 -20.57
CA PRO A 420 -16.69 -22.23 -21.43
C PRO A 420 -15.29 -22.12 -20.85
N PRO A 421 -14.31 -21.65 -21.63
CA PRO A 421 -12.93 -21.72 -21.12
C PRO A 421 -12.65 -20.77 -19.94
N LEU A 422 -11.72 -21.17 -19.07
CA LEU A 422 -11.36 -20.43 -17.85
C LEU A 422 -10.25 -19.40 -18.06
N THR A 423 -10.55 -18.13 -17.81
CA THR A 423 -9.60 -17.03 -17.99
C THR A 423 -8.76 -16.79 -16.73
N MET A 424 -9.14 -17.40 -15.60
CA MET A 424 -8.40 -17.21 -14.34
C MET A 424 -8.72 -18.29 -13.31
N LEU A 425 -7.69 -18.70 -12.58
CA LEU A 425 -7.81 -19.56 -11.41
C LEU A 425 -7.17 -18.85 -10.20
N PHE A 426 -7.89 -18.86 -9.07
CA PHE A 426 -7.47 -18.22 -7.81
C PHE A 426 -7.80 -19.19 -6.67
N LEU A 427 -6.83 -19.42 -5.78
CA LEU A 427 -6.98 -20.28 -4.59
C LEU A 427 -6.48 -19.48 -3.44
N CYS A 428 -7.19 -19.49 -2.33
CA CYS A 428 -6.80 -18.62 -1.20
C CYS A 428 -7.11 -19.21 0.17
N ALA A 429 -6.10 -19.29 1.03
CA ALA A 429 -6.25 -19.82 2.38
C ALA A 429 -6.70 -18.71 3.32
N THR A 430 -7.68 -19.05 4.16
CA THR A 430 -8.29 -18.12 5.08
C THR A 430 -8.92 -18.82 6.29
N LYS A 431 -9.61 -18.03 7.14
CA LYS A 431 -10.07 -18.45 8.49
C LYS A 431 -8.90 -19.03 9.29
N PHE A 432 -7.88 -18.22 9.53
CA PHE A 432 -6.74 -18.64 10.33
C PHE A 432 -7.11 -18.89 11.77
N SER A 433 -6.27 -19.67 12.46
CA SER A 433 -6.51 -20.11 13.83
C SER A 433 -5.20 -20.54 14.51
N ALA A 434 -5.06 -20.24 15.80
CA ALA A 434 -3.77 -20.42 16.54
C ALA A 434 -3.26 -21.88 16.64
N SER A 435 -1.94 -22.06 16.51
CA SER A 435 -1.33 -23.38 16.26
C SER A 435 -0.01 -23.61 17.00
P 6OG B 4 -2.86 -9.66 -18.46
OP1 6OG B 4 -2.68 -10.74 -19.48
OP2 6OG B 4 -4.23 -9.19 -18.06
O5' 6OG B 4 -2.10 -10.14 -17.12
N9 6OG B 4 -1.35 -8.52 -13.37
C4 6OG B 4 -0.75 -7.77 -12.47
N3 6OG B 4 0.42 -7.87 -11.80
C2 6OG B 4 0.79 -6.90 -10.93
N2 6OG B 4 1.97 -7.06 -10.28
N1 6OG B 4 0.05 -5.80 -10.66
C6 6OG B 4 -1.12 -5.58 -11.27
O6 6OG B 4 -1.82 -4.44 -10.94
C5 6OG B 4 -1.61 -6.60 -12.23
N7 6OG B 4 -2.67 -6.75 -13.01
C8 6OG B 4 -2.51 -7.92 -13.70
C2' 6OG B 4 -1.81 -10.92 -14.05
C5' 6OG B 4 -0.80 -10.73 -17.20
C4' 6OG B 4 -0.20 -10.95 -15.82
O4' 6OG B 4 -0.09 -9.70 -15.13
C1' 6OG B 4 -0.77 -9.82 -13.86
C3' 6OG B 4 -1.07 -11.87 -14.96
O3' 6OG B 4 -0.20 -12.75 -14.26
C 6OG B 4 -2.83 -3.81 -11.74
N1 DCP D . 3.27 -3.54 -7.13
C2 DCP D . 2.79 -4.45 -8.10
N3 DCP D . 1.67 -4.18 -8.83
C4 DCP D . 1.00 -3.01 -8.64
C5 DCP D . 1.48 -2.10 -7.72
C6 DCP D . 2.60 -2.39 -6.97
O2 DCP D . 3.39 -5.52 -8.26
N4 DCP D . -0.12 -2.65 -9.33
C1' DCP D . 4.48 -3.85 -6.36
C2' DCP D . 5.71 -3.32 -7.06
C3' DCP D . 6.12 -2.13 -6.24
C4' DCP D . 5.55 -2.39 -4.87
O4' DCP D . 4.42 -3.22 -5.08
O3' DCP D . 7.53 -2.02 -6.21
C5' DCP D . 5.04 -1.18 -4.11
O5' DCP D . 4.19 -0.43 -4.96
PA DCP D . 3.89 1.13 -4.77
O1A DCP D . 2.58 1.36 -5.48
O2A DCP D . 4.21 1.48 -3.34
O3A DCP D . 5.01 1.89 -5.66
PB DCP D . 6.59 1.61 -5.66
O1B DCP D . 6.98 0.75 -6.85
O2B DCP D . 7.04 1.27 -4.29
O3B DCP D . 7.16 3.08 -5.95
PG DCP D . 6.72 4.41 -5.15
O1G DCP D . 5.98 5.24 -6.18
O2G DCP D . 5.87 3.91 -4.01
O3G DCP D . 8.07 5.01 -4.79
CA CA E . 6.15 2.27 -2.57
CA CA F . 2.95 1.23 -1.25
C1 GOL G . -11.85 24.64 3.09
O1 GOL G . -11.26 24.71 4.41
C2 GOL G . -10.77 24.87 2.01
O2 GOL G . -10.09 23.66 1.65
C3 GOL G . -11.37 25.54 0.77
O3 GOL G . -12.34 24.71 0.11
C1 GOL H . -14.38 4.59 3.97
O1 GOL H . -14.29 5.45 2.84
C2 GOL H . -15.37 5.21 4.94
O2 GOL H . -16.63 5.51 4.28
C3 GOL H . -15.52 4.29 6.17
O3 GOL H . -16.46 4.77 7.17
#